data_7MY6
#
_entry.id   7MY6
#
_cell.length_a   45.423
_cell.length_b   144.627
_cell.length_c   48.066
_cell.angle_alpha   90.000
_cell.angle_beta   95.249
_cell.angle_gamma   90.000
#
_symmetry.space_group_name_H-M   'P 1 21 1'
#
loop_
_entity.id
_entity.type
_entity.pdbx_description
1 polymer 'Farnesyl-diphosphate synthase'
2 non-polymer '3-METHYLBUT-3-ENYL TRIHYDROGEN DIPHOSPHATE'
3 non-polymer 1,2-ETHANEDIOL
4 non-polymer DI(HYDROXYETHYL)ETHER
5 non-polymer 'SULFATE ION'
6 non-polymer 'MAGNESIUM ION'
7 non-polymer 'CHLORIDE ION'
8 water water
#
_entity_poly.entity_id   1
_entity_poly.type   'polypeptide(L)'
_entity_poly.pdbx_seq_one_letter_code
;MVASSSLRFDLKSYLKERQRQVEAALNAILPPQDPPLIYESMRYSLLAEGKRLRPILCLASCELAGGTAAIALPTACALE
MVHTMSLIHDDLPSMDNDDFRRGRPTNHKVYGEDIAILAGDALLTYAFEAIARHTPEVPADRVLKVIAALARAVGAEGLV
GGQVVDLQSEGRDDVNLETLHYIHTHKTGALLEVSVVSGAILAGASEELQEQLRTYAQKIGLAFQVIDDILDITATAEEL
GKTAGKDLAAKKATYPSLLGLDASREYADQLITEAKAAIAAFGAEADPLRAIADYITARKHLLEHHHHHH
;
_entity_poly.pdbx_strand_id   A,B
#
loop_
_chem_comp.id
_chem_comp.type
_chem_comp.name
_chem_comp.formula
CL non-polymer 'CHLORIDE ION' 'Cl -1'
EDO non-polymer 1,2-ETHANEDIOL 'C2 H6 O2'
IPE non-polymer '3-METHYLBUT-3-ENYL TRIHYDROGEN DIPHOSPHATE' 'C5 H12 O7 P2'
MG non-polymer 'MAGNESIUM ION' 'Mg 2'
PEG non-polymer DI(HYDROXYETHYL)ETHER 'C4 H10 O3'
SO4 non-polymer 'SULFATE ION' 'O4 S -2'
#
# COMPACT_ATOMS: atom_id res chain seq x y z
N VAL A 2 -13.37 37.97 10.88
CA VAL A 2 -14.10 38.23 9.61
C VAL A 2 -13.91 37.01 8.68
N ALA A 3 -14.99 36.26 8.42
CA ALA A 3 -15.01 35.12 7.47
C ALA A 3 -14.26 35.53 6.18
N SER A 4 -13.35 34.68 5.69
CA SER A 4 -12.50 34.91 4.50
C SER A 4 -13.27 34.61 3.20
N SER A 5 -14.19 33.63 3.20
CA SER A 5 -14.96 33.15 2.02
C SER A 5 -16.04 34.16 1.62
N SER A 6 -16.58 34.04 0.41
CA SER A 6 -17.75 34.84 -0.03
C SER A 6 -18.86 34.71 1.00
N LEU A 7 -19.56 35.82 1.26
CA LEU A 7 -20.57 35.96 2.34
C LEU A 7 -21.64 34.89 2.14
N ARG A 8 -22.02 34.61 0.89
CA ARG A 8 -23.12 33.68 0.56
C ARG A 8 -22.64 32.22 0.47
N PHE A 9 -21.34 31.93 0.52
CA PHE A 9 -20.82 30.56 0.29
C PHE A 9 -21.55 29.57 1.23
N ASP A 10 -22.23 28.59 0.65
CA ASP A 10 -22.95 27.54 1.42
C ASP A 10 -22.07 26.28 1.47
N LEU A 11 -21.34 26.10 2.57
CA LEU A 11 -20.40 24.96 2.72
C LEU A 11 -21.17 23.63 2.75
N LYS A 12 -22.30 23.60 3.43
CA LYS A 12 -23.09 22.35 3.58
C LYS A 12 -23.49 21.84 2.19
N SER A 13 -23.97 22.76 1.37
CA SER A 13 -24.44 22.49 -0.02
C SER A 13 -23.28 22.04 -0.90
N TYR A 14 -22.14 22.74 -0.86
CA TYR A 14 -20.94 22.41 -1.67
C TYR A 14 -20.46 20.99 -1.32
N LEU A 15 -20.30 20.71 -0.04
CA LEU A 15 -19.84 19.39 0.45
C LEU A 15 -20.78 18.27 0.00
N LYS A 16 -22.08 18.52 0.02
CA LYS A 16 -23.11 17.51 -0.33
C LYS A 16 -22.96 17.12 -1.81
N GLU A 17 -22.82 18.11 -2.68
CA GLU A 17 -22.66 17.85 -4.13
C GLU A 17 -21.36 17.05 -4.35
N ARG A 18 -20.26 17.55 -3.80
CA ARG A 18 -18.93 16.93 -3.97
C ARG A 18 -18.94 15.51 -3.35
N GLN A 19 -19.64 15.32 -2.24
N GLN A 19 -19.64 15.32 -2.24
CA GLN A 19 -19.77 13.99 -1.60
CA GLN A 19 -19.77 13.98 -1.60
C GLN A 19 -20.42 13.03 -2.59
C GLN A 19 -20.42 13.03 -2.60
N ARG A 20 -21.51 13.47 -3.23
CA ARG A 20 -22.25 12.62 -4.21
C ARG A 20 -21.33 12.27 -5.38
N GLN A 21 -20.57 13.25 -5.87
CA GLN A 21 -19.67 13.07 -7.02
C GLN A 21 -18.62 12.05 -6.63
N VAL A 22 -18.06 12.22 -5.43
CA VAL A 22 -16.97 11.32 -4.95
C VAL A 22 -17.56 9.93 -4.83
N GLU A 23 -18.75 9.81 -4.23
CA GLU A 23 -19.31 8.47 -3.94
C GLU A 23 -19.69 7.72 -5.21
N ALA A 24 -20.16 8.42 -6.26
CA ALA A 24 -20.38 7.84 -7.61
C ALA A 24 -19.04 7.37 -8.21
N ALA A 25 -17.98 8.17 -8.15
CA ALA A 25 -16.64 7.75 -8.63
C ALA A 25 -16.15 6.52 -7.85
N LEU A 26 -16.31 6.49 -6.53
CA LEU A 26 -15.83 5.34 -5.72
C LEU A 26 -16.53 4.07 -6.20
N ASN A 27 -17.83 4.13 -6.43
CA ASN A 27 -18.63 2.95 -6.83
C ASN A 27 -18.15 2.45 -8.20
N ALA A 28 -17.84 3.33 -9.13
CA ALA A 28 -17.45 2.95 -10.51
C ALA A 28 -15.97 2.50 -10.52
N ILE A 29 -15.12 3.07 -9.68
CA ILE A 29 -13.65 2.77 -9.74
C ILE A 29 -13.38 1.41 -9.09
N LEU A 30 -14.26 0.97 -8.19
CA LEU A 30 -14.08 -0.33 -7.49
C LEU A 30 -15.37 -1.12 -7.57
N PRO A 31 -15.71 -1.65 -8.75
CA PRO A 31 -16.95 -2.40 -8.93
C PRO A 31 -16.85 -3.79 -8.32
N PRO A 32 -18.00 -4.43 -7.97
CA PRO A 32 -18.00 -5.80 -7.53
C PRO A 32 -17.24 -6.64 -8.55
N GLN A 33 -16.33 -7.49 -8.09
CA GLN A 33 -15.49 -8.37 -8.94
C GLN A 33 -15.22 -9.67 -8.19
N ASP A 34 -14.38 -10.55 -8.76
CA ASP A 34 -14.04 -11.88 -8.19
C ASP A 34 -12.65 -11.83 -7.56
N PRO A 35 -12.44 -12.48 -6.37
CA PRO A 35 -13.50 -13.18 -5.64
C PRO A 35 -14.47 -12.19 -4.99
N PRO A 36 -15.79 -12.44 -5.07
CA PRO A 36 -16.80 -11.48 -4.60
C PRO A 36 -16.60 -11.01 -3.15
N LEU A 37 -16.20 -11.91 -2.25
CA LEU A 37 -16.11 -11.61 -0.80
C LEU A 37 -15.14 -10.44 -0.54
N ILE A 38 -13.99 -10.40 -1.20
CA ILE A 38 -12.98 -9.34 -0.88
C ILE A 38 -13.51 -7.99 -1.38
N TYR A 39 -14.04 -7.93 -2.60
CA TYR A 39 -14.63 -6.68 -3.16
C TYR A 39 -15.83 -6.24 -2.33
N GLU A 40 -16.62 -7.19 -1.81
CA GLU A 40 -17.80 -6.91 -0.95
C GLU A 40 -17.30 -6.21 0.32
N SER A 41 -16.28 -6.79 0.97
CA SER A 41 -15.71 -6.27 2.22
C SER A 41 -15.08 -4.90 1.96
N MET A 42 -14.28 -4.74 0.91
CA MET A 42 -13.65 -3.43 0.60
C MET A 42 -14.74 -2.37 0.40
N ARG A 43 -15.74 -2.66 -0.43
CA ARG A 43 -16.84 -1.70 -0.74
C ARG A 43 -17.72 -1.46 0.50
N TYR A 44 -17.89 -2.47 1.34
CA TYR A 44 -18.71 -2.34 2.58
C TYR A 44 -18.19 -1.12 3.36
N SER A 45 -16.88 -1.04 3.58
CA SER A 45 -16.27 0.03 4.39
C SER A 45 -16.12 1.30 3.54
N LEU A 46 -15.72 1.15 2.27
CA LEU A 46 -15.39 2.33 1.42
C LEU A 46 -16.64 3.17 1.21
N LEU A 47 -17.79 2.51 0.99
CA LEU A 47 -19.03 3.19 0.54
C LEU A 47 -19.95 3.43 1.73
N ALA A 48 -19.55 3.00 2.92
CA ALA A 48 -20.23 3.41 4.17
C ALA A 48 -20.17 4.95 4.26
N GLU A 49 -21.20 5.51 4.89
CA GLU A 49 -21.39 6.96 5.09
C GLU A 49 -20.06 7.59 5.52
N GLY A 50 -19.57 8.56 4.77
CA GLY A 50 -18.43 9.37 5.20
C GLY A 50 -18.56 10.77 4.68
N LYS A 51 -17.89 11.71 5.31
CA LYS A 51 -17.91 13.12 4.90
C LYS A 51 -17.06 13.27 3.63
N ARG A 52 -16.11 12.36 3.37
CA ARG A 52 -15.27 12.44 2.15
C ARG A 52 -14.43 13.73 2.13
N LEU A 53 -13.98 14.24 3.27
CA LEU A 53 -13.28 15.56 3.29
C LEU A 53 -11.93 15.48 2.55
N ARG A 54 -11.24 14.34 2.59
CA ARG A 54 -9.91 14.22 1.92
C ARG A 54 -10.08 14.31 0.40
N PRO A 55 -10.92 13.47 -0.23
CA PRO A 55 -11.16 13.61 -1.67
C PRO A 55 -11.59 15.02 -2.03
N ILE A 56 -12.50 15.60 -1.26
CA ILE A 56 -13.09 16.94 -1.56
C ILE A 56 -11.96 17.99 -1.53
N LEU A 57 -11.08 17.93 -0.55
CA LEU A 57 -9.90 18.83 -0.45
C LEU A 57 -9.02 18.66 -1.70
N CYS A 58 -8.82 17.42 -2.15
CA CYS A 58 -8.02 17.12 -3.37
C CYS A 58 -8.66 17.80 -4.60
N LEU A 59 -9.95 17.58 -4.83
CA LEU A 59 -10.65 18.14 -6.01
C LEU A 59 -10.58 19.68 -5.92
N ALA A 60 -10.83 20.23 -4.74
CA ALA A 60 -10.86 21.70 -4.49
C ALA A 60 -9.49 22.28 -4.76
N SER A 61 -8.43 21.60 -4.32
CA SER A 61 -7.03 22.09 -4.46
C SER A 61 -6.62 22.03 -5.93
N CYS A 62 -6.96 20.93 -6.58
CA CYS A 62 -6.71 20.78 -8.03
C CYS A 62 -7.35 21.94 -8.81
N GLU A 63 -8.62 22.22 -8.54
CA GLU A 63 -9.38 23.31 -9.23
C GLU A 63 -8.76 24.66 -8.89
N LEU A 64 -8.41 24.87 -7.63
CA LEU A 64 -7.79 26.14 -7.14
C LEU A 64 -6.49 26.36 -7.93
N ALA A 65 -5.75 25.28 -8.22
CA ALA A 65 -4.46 25.35 -8.95
C ALA A 65 -4.66 25.38 -10.47
N GLY A 66 -5.88 25.45 -10.98
CA GLY A 66 -6.14 25.61 -12.43
C GLY A 66 -6.40 24.29 -13.13
N GLY A 67 -6.52 23.21 -12.37
CA GLY A 67 -6.76 21.87 -12.94
C GLY A 67 -8.24 21.61 -13.00
N THR A 68 -8.63 20.41 -13.41
CA THR A 68 -10.04 19.97 -13.46
C THR A 68 -10.27 18.90 -12.37
N ALA A 69 -11.52 18.71 -11.98
CA ALA A 69 -12.00 17.59 -11.15
C ALA A 69 -11.63 16.27 -11.83
N ALA A 70 -11.78 16.19 -13.15
CA ALA A 70 -11.57 14.96 -13.93
C ALA A 70 -10.16 14.40 -13.69
N ILE A 71 -9.11 15.24 -13.69
CA ILE A 71 -7.70 14.76 -13.60
C ILE A 71 -7.41 14.30 -12.15
N ALA A 72 -8.17 14.80 -11.20
CA ALA A 72 -7.92 14.58 -9.74
C ALA A 72 -8.80 13.45 -9.18
N LEU A 73 -9.80 13.00 -9.92
CA LEU A 73 -10.84 12.14 -9.31
C LEU A 73 -10.25 10.80 -8.89
N PRO A 74 -9.39 10.16 -9.72
CA PRO A 74 -8.77 8.91 -9.28
C PRO A 74 -7.97 9.09 -7.98
N THR A 75 -7.17 10.14 -7.90
CA THR A 75 -6.37 10.45 -6.69
C THR A 75 -7.32 10.73 -5.52
N ALA A 76 -8.41 11.44 -5.77
CA ALA A 76 -9.42 11.70 -4.72
C ALA A 76 -9.94 10.36 -4.18
N CYS A 77 -10.31 9.44 -5.08
CA CYS A 77 -10.80 8.09 -4.69
C CYS A 77 -9.71 7.39 -3.85
N ALA A 78 -8.46 7.46 -4.31
CA ALA A 78 -7.29 6.82 -3.68
C ALA A 78 -7.14 7.32 -2.24
N LEU A 79 -7.24 8.63 -2.01
CA LEU A 79 -7.10 9.24 -0.67
C LEU A 79 -8.19 8.65 0.22
N GLU A 80 -9.40 8.51 -0.31
CA GLU A 80 -10.52 7.93 0.47
C GLU A 80 -10.26 6.44 0.74
N MET A 81 -9.67 5.70 -0.20
CA MET A 81 -9.37 4.28 0.00
C MET A 81 -8.34 4.15 1.13
N VAL A 82 -7.34 5.02 1.14
CA VAL A 82 -6.25 4.94 2.14
C VAL A 82 -6.84 5.31 3.50
N HIS A 83 -7.61 6.39 3.56
CA HIS A 83 -8.33 6.78 4.78
C HIS A 83 -9.19 5.58 5.25
N THR A 84 -9.98 5.01 4.33
CA THR A 84 -10.87 3.87 4.68
C THR A 84 -10.04 2.70 5.25
N MET A 85 -8.92 2.35 4.63
CA MET A 85 -8.13 1.19 5.11
C MET A 85 -7.53 1.49 6.50
N SER A 86 -7.17 2.75 6.78
CA SER A 86 -6.66 3.17 8.10
C SER A 86 -7.75 2.95 9.16
N LEU A 87 -9.01 3.25 8.84
CA LEU A 87 -10.14 3.03 9.78
C LEU A 87 -10.37 1.53 9.99
N ILE A 88 -10.37 0.75 8.91
CA ILE A 88 -10.59 -0.73 9.02
C ILE A 88 -9.56 -1.33 9.98
N HIS A 89 -8.28 -0.96 9.80
CA HIS A 89 -7.15 -1.54 10.59
C HIS A 89 -7.26 -1.01 12.02
N ASP A 90 -7.63 0.26 12.18
CA ASP A 90 -7.73 0.93 13.50
C ASP A 90 -8.86 0.28 14.32
N ASP A 91 -9.93 -0.15 13.66
CA ASP A 91 -11.12 -0.74 14.33
C ASP A 91 -10.85 -2.16 14.83
N LEU A 92 -9.85 -2.84 14.27
CA LEU A 92 -9.60 -4.29 14.53
C LEU A 92 -9.48 -4.59 16.02
N PRO A 93 -9.88 -5.81 16.45
CA PRO A 93 -9.65 -6.25 17.83
C PRO A 93 -8.22 -6.10 18.38
N SER A 94 -7.20 -6.22 17.53
CA SER A 94 -5.78 -6.06 17.90
C SER A 94 -5.44 -4.58 18.09
N MET A 95 -6.30 -3.69 17.61
CA MET A 95 -6.14 -2.22 17.73
C MET A 95 -7.29 -1.66 18.59
N ASP A 96 -8.21 -0.85 18.08
CA ASP A 96 -9.21 -0.18 18.98
C ASP A 96 -10.36 -1.11 19.32
N ASN A 97 -10.56 -2.20 18.59
CA ASN A 97 -11.60 -3.22 18.88
C ASN A 97 -12.98 -2.55 18.97
N ASP A 98 -13.40 -1.88 17.90
CA ASP A 98 -14.68 -1.13 17.81
C ASP A 98 -15.72 -1.99 17.09
N ASP A 99 -16.98 -1.92 17.54
CA ASP A 99 -18.08 -2.72 16.98
C ASP A 99 -18.76 -1.96 15.84
N PHE A 100 -18.61 -0.62 15.80
CA PHE A 100 -19.34 0.27 14.87
C PHE A 100 -18.39 1.28 14.25
N ARG A 101 -18.63 1.53 12.96
CA ARG A 101 -17.89 2.51 12.11
C ARG A 101 -18.82 2.95 10.96
N ARG A 102 -18.93 4.25 10.74
CA ARG A 102 -19.72 4.87 9.63
C ARG A 102 -21.16 4.36 9.68
N GLY A 103 -21.69 4.21 10.91
CA GLY A 103 -23.09 3.88 11.20
C GLY A 103 -23.44 2.43 10.92
N ARG A 104 -22.45 1.55 10.76
CA ARG A 104 -22.70 0.11 10.58
C ARG A 104 -21.70 -0.69 11.40
N PRO A 105 -21.98 -1.98 11.62
CA PRO A 105 -20.98 -2.89 12.18
C PRO A 105 -19.63 -2.72 11.46
N THR A 106 -18.55 -2.73 12.24
CA THR A 106 -17.17 -2.65 11.70
C THR A 106 -16.94 -3.84 10.76
N ASN A 107 -16.04 -3.68 9.80
CA ASN A 107 -15.74 -4.68 8.76
C ASN A 107 -15.52 -6.05 9.39
N HIS A 108 -14.69 -6.12 10.43
CA HIS A 108 -14.28 -7.44 11.01
C HIS A 108 -15.47 -8.11 11.69
N LYS A 109 -16.44 -7.35 12.20
CA LYS A 109 -17.67 -7.95 12.79
C LYS A 109 -18.51 -8.64 11.73
N VAL A 110 -18.49 -8.17 10.49
CA VAL A 110 -19.28 -8.74 9.37
C VAL A 110 -18.47 -9.86 8.71
N TYR A 111 -17.18 -9.65 8.45
CA TYR A 111 -16.42 -10.51 7.50
C TYR A 111 -15.34 -11.32 8.25
N GLY A 112 -15.10 -11.04 9.52
CA GLY A 112 -13.96 -11.61 10.27
C GLY A 112 -12.72 -10.74 10.19
N GLU A 113 -11.85 -10.87 11.19
CA GLU A 113 -10.60 -10.08 11.32
C GLU A 113 -9.68 -10.33 10.11
N ASP A 114 -9.56 -11.60 9.65
CA ASP A 114 -8.68 -11.96 8.51
C ASP A 114 -9.11 -11.19 7.26
N ILE A 115 -10.39 -11.26 6.90
CA ILE A 115 -10.91 -10.57 5.70
C ILE A 115 -10.79 -9.06 5.89
N ALA A 116 -11.06 -8.55 7.07
CA ALA A 116 -10.97 -7.09 7.32
C ALA A 116 -9.52 -6.65 7.06
N ILE A 117 -8.54 -7.39 7.58
CA ILE A 117 -7.10 -7.03 7.40
C ILE A 117 -6.81 -6.99 5.92
N LEU A 118 -7.25 -8.02 5.20
CA LEU A 118 -6.95 -8.21 3.77
C LEU A 118 -7.70 -7.14 2.95
N ALA A 119 -8.93 -6.80 3.31
CA ALA A 119 -9.70 -5.71 2.65
C ALA A 119 -8.92 -4.40 2.78
N GLY A 120 -8.40 -4.11 3.98
CA GLY A 120 -7.54 -2.95 4.24
C GLY A 120 -6.30 -2.95 3.37
N ASP A 121 -5.61 -4.09 3.29
CA ASP A 121 -4.37 -4.25 2.49
C ASP A 121 -4.71 -3.97 1.02
N ALA A 122 -5.81 -4.54 0.53
CA ALA A 122 -6.23 -4.41 -0.89
C ALA A 122 -6.64 -2.97 -1.20
N LEU A 123 -7.29 -2.27 -0.28
CA LEU A 123 -7.68 -0.85 -0.47
C LEU A 123 -6.44 0.04 -0.50
N LEU A 124 -5.47 -0.21 0.39
CA LEU A 124 -4.17 0.51 0.37
C LEU A 124 -3.50 0.35 -1.00
N THR A 125 -3.41 -0.90 -1.50
CA THR A 125 -2.78 -1.24 -2.77
C THR A 125 -3.57 -0.58 -3.91
N TYR A 126 -4.89 -0.70 -3.88
CA TYR A 126 -5.74 -0.20 -4.99
C TYR A 126 -5.61 1.32 -5.08
N ALA A 127 -5.41 2.03 -3.96
CA ALA A 127 -5.17 3.49 -4.00
C ALA A 127 -4.05 3.81 -4.99
N PHE A 128 -2.91 3.12 -4.89
CA PHE A 128 -1.75 3.35 -5.78
C PHE A 128 -2.10 2.93 -7.20
N GLU A 129 -2.84 1.83 -7.37
CA GLU A 129 -3.22 1.39 -8.74
C GLU A 129 -4.11 2.43 -9.43
N ALA A 130 -5.11 2.94 -8.70
CA ALA A 130 -6.12 3.89 -9.21
C ALA A 130 -5.41 5.15 -9.72
N ILE A 131 -4.43 5.62 -8.96
CA ILE A 131 -3.67 6.85 -9.31
C ILE A 131 -2.88 6.56 -10.58
N ALA A 132 -2.14 5.46 -10.58
CA ALA A 132 -1.18 5.12 -11.64
C ALA A 132 -1.93 4.80 -12.93
N ARG A 133 -2.99 4.02 -12.83
CA ARG A 133 -3.72 3.43 -13.99
C ARG A 133 -4.79 4.40 -14.52
N HIS A 134 -5.48 5.15 -13.67
CA HIS A 134 -6.74 5.86 -14.08
C HIS A 134 -6.53 7.37 -14.19
N THR A 135 -5.43 7.92 -13.70
CA THR A 135 -5.26 9.39 -13.71
C THR A 135 -5.14 9.83 -15.16
N PRO A 136 -6.10 10.66 -15.66
CA PRO A 136 -6.08 11.12 -17.05
C PRO A 136 -5.17 12.31 -17.32
N GLU A 137 -4.53 12.36 -18.50
CA GLU A 137 -3.83 13.56 -19.02
C GLU A 137 -2.54 13.93 -18.28
N VAL A 138 -2.44 13.76 -16.97
CA VAL A 138 -1.27 14.23 -16.19
C VAL A 138 -0.04 13.43 -16.63
N PRO A 139 1.10 14.08 -16.91
CA PRO A 139 2.33 13.38 -17.27
C PRO A 139 2.78 12.43 -16.15
N ALA A 140 3.40 11.31 -16.53
CA ALA A 140 3.81 10.21 -15.61
C ALA A 140 4.63 10.76 -14.46
N ASP A 141 5.54 11.71 -14.73
CA ASP A 141 6.47 12.24 -13.70
C ASP A 141 5.65 12.85 -12.55
N ARG A 142 4.58 13.58 -12.84
CA ARG A 142 3.78 14.24 -11.77
C ARG A 142 2.94 13.18 -11.06
N VAL A 143 2.43 12.19 -11.80
CA VAL A 143 1.59 11.13 -11.18
C VAL A 143 2.52 10.37 -10.19
N LEU A 144 3.77 10.10 -10.56
CA LEU A 144 4.75 9.43 -9.67
C LEU A 144 5.00 10.31 -8.44
N LYS A 145 5.11 11.63 -8.60
CA LYS A 145 5.24 12.54 -7.43
C LYS A 145 4.04 12.38 -6.49
N VAL A 146 2.83 12.20 -7.04
CA VAL A 146 1.63 11.97 -6.19
C VAL A 146 1.79 10.64 -5.46
N ILE A 147 2.18 9.57 -6.16
CA ILE A 147 2.42 8.22 -5.56
C ILE A 147 3.40 8.39 -4.41
N ALA A 148 4.54 9.05 -4.64
CA ALA A 148 5.61 9.16 -3.62
C ALA A 148 5.06 9.96 -2.42
N ALA A 149 4.35 11.05 -2.69
CA ALA A 149 3.85 11.93 -1.61
C ALA A 149 2.79 11.17 -0.79
N LEU A 150 1.91 10.42 -1.46
CA LEU A 150 0.85 9.68 -0.75
C LEU A 150 1.49 8.60 0.12
N ALA A 151 2.45 7.88 -0.47
CA ALA A 151 3.15 6.77 0.21
C ALA A 151 3.83 7.36 1.46
N ARG A 152 4.59 8.45 1.32
CA ARG A 152 5.27 9.08 2.49
C ARG A 152 4.22 9.49 3.55
N ALA A 153 3.08 10.06 3.14
CA ALA A 153 2.01 10.55 4.04
C ALA A 153 1.36 9.40 4.84
N VAL A 154 1.25 8.20 4.27
CA VAL A 154 0.46 7.06 4.84
C VAL A 154 1.37 6.10 5.65
N GLY A 155 2.66 6.08 5.37
CA GLY A 155 3.59 5.10 5.98
C GLY A 155 4.18 5.53 7.32
N ALA A 156 5.35 5.01 7.63
CA ALA A 156 6.00 5.17 8.96
C ALA A 156 6.41 6.63 9.21
N GLU A 157 6.56 7.43 8.16
CA GLU A 157 6.85 8.86 8.27
C GLU A 157 5.56 9.68 8.41
N GLY A 158 4.39 9.06 8.34
CA GLY A 158 3.10 9.77 8.41
C GLY A 158 2.09 9.01 9.23
N LEU A 159 0.98 8.65 8.59
CA LEU A 159 -0.19 8.05 9.28
C LEU A 159 0.25 6.90 10.19
N VAL A 160 1.01 5.92 9.69
CA VAL A 160 1.38 4.74 10.53
C VAL A 160 2.31 5.18 11.66
N GLY A 161 3.25 6.07 11.41
CA GLY A 161 4.13 6.62 12.46
C GLY A 161 3.29 7.23 13.59
N GLY A 162 2.30 8.04 13.23
CA GLY A 162 1.32 8.61 14.16
C GLY A 162 0.55 7.58 14.94
N GLN A 163 0.06 6.52 14.26
CA GLN A 163 -0.74 5.44 14.91
C GLN A 163 0.14 4.78 15.97
N VAL A 164 1.40 4.57 15.63
CA VAL A 164 2.36 3.86 16.52
C VAL A 164 2.59 4.68 17.79
N VAL A 165 2.89 5.97 17.67
CA VAL A 165 3.15 6.84 18.85
C VAL A 165 1.85 6.95 19.66
N ASP A 166 0.71 7.05 18.99
CA ASP A 166 -0.62 7.07 19.64
C ASP A 166 -0.77 5.79 20.49
N LEU A 167 -0.45 4.62 19.92
CA LEU A 167 -0.56 3.35 20.69
C LEU A 167 0.41 3.37 21.87
N GLN A 168 1.67 3.77 21.67
CA GLN A 168 2.70 3.86 22.73
C GLN A 168 2.29 4.85 23.83
N SER A 169 1.47 5.85 23.50
CA SER A 169 1.03 6.91 24.45
C SER A 169 -0.11 6.42 25.35
N GLU A 170 -0.85 5.38 24.92
CA GLU A 170 -2.13 4.93 25.52
C GLU A 170 -2.01 4.74 27.04
N GLY A 171 -0.93 4.14 27.54
CA GLY A 171 -0.82 3.73 28.96
C GLY A 171 -0.08 4.72 29.84
N ARG A 172 0.18 5.94 29.33
CA ARG A 172 1.20 6.88 29.88
C ARG A 172 0.53 8.06 30.56
N ASP A 173 1.24 8.67 31.51
CA ASP A 173 0.77 9.87 32.27
C ASP A 173 1.70 11.04 31.95
N ASP A 174 2.63 10.88 31.01
CA ASP A 174 3.79 11.81 30.82
C ASP A 174 3.83 12.33 29.37
N VAL A 175 2.70 12.26 28.65
CA VAL A 175 2.63 12.71 27.23
C VAL A 175 2.82 14.22 27.18
N ASN A 176 3.84 14.71 26.50
CA ASN A 176 4.17 16.17 26.47
C ASN A 176 3.64 16.79 25.16
N LEU A 177 3.82 18.10 24.97
CA LEU A 177 3.28 18.83 23.81
C LEU A 177 3.89 18.28 22.52
N GLU A 178 5.20 17.95 22.53
CA GLU A 178 5.94 17.48 21.33
C GLU A 178 5.28 16.18 20.82
N THR A 179 4.95 15.28 21.73
CA THR A 179 4.29 13.99 21.42
C THR A 179 2.89 14.26 20.87
N LEU A 180 2.09 15.04 21.58
CA LEU A 180 0.71 15.36 21.14
C LEU A 180 0.78 15.97 19.73
N HIS A 181 1.67 16.93 19.51
CA HIS A 181 1.86 17.58 18.19
C HIS A 181 2.27 16.54 17.14
N TYR A 182 3.17 15.65 17.49
CA TYR A 182 3.62 14.59 16.57
C TYR A 182 2.41 13.75 16.15
N ILE A 183 1.59 13.33 17.12
CA ILE A 183 0.41 12.46 16.83
C ILE A 183 -0.55 13.17 15.87
N HIS A 184 -0.91 14.42 16.17
N HIS A 184 -0.91 14.42 16.17
CA HIS A 184 -1.88 15.20 15.37
CA HIS A 184 -1.89 15.20 15.37
C HIS A 184 -1.33 15.47 13.97
C HIS A 184 -1.33 15.47 13.97
N THR A 185 -0.04 15.81 13.85
CA THR A 185 0.54 16.16 12.53
C THR A 185 0.75 14.88 11.69
N HIS A 186 0.95 13.71 12.32
CA HIS A 186 1.37 12.48 11.57
C HIS A 186 0.17 11.54 11.37
N LYS A 187 -0.54 11.21 12.43
CA LYS A 187 -1.69 10.29 12.39
C LYS A 187 -2.79 10.88 11.49
N THR A 188 -3.01 12.20 11.54
CA THR A 188 -4.15 12.82 10.80
C THR A 188 -3.61 13.86 9.81
N GLY A 189 -2.65 14.67 10.24
CA GLY A 189 -2.15 15.82 9.45
C GLY A 189 -1.57 15.37 8.13
N ALA A 190 -0.74 14.32 8.13
CA ALA A 190 0.03 13.95 6.91
C ALA A 190 -0.94 13.75 5.73
N LEU A 191 -2.03 13.04 5.97
CA LEU A 191 -2.95 12.65 4.90
C LEU A 191 -3.77 13.88 4.47
N LEU A 192 -4.13 14.76 5.42
CA LEU A 192 -4.78 16.04 5.03
C LEU A 192 -3.82 16.83 4.12
N GLU A 193 -2.56 16.91 4.51
CA GLU A 193 -1.56 17.68 3.74
C GLU A 193 -1.49 17.10 2.34
N VAL A 194 -1.36 15.78 2.22
CA VAL A 194 -1.19 15.19 0.86
C VAL A 194 -2.49 15.32 0.08
N SER A 195 -3.66 15.38 0.73
CA SER A 195 -4.96 15.54 0.03
C SER A 195 -4.93 16.84 -0.79
N VAL A 196 -4.53 17.98 -0.19
CA VAL A 196 -4.47 19.28 -0.92
C VAL A 196 -3.26 19.32 -1.85
N VAL A 197 -2.09 18.89 -1.39
CA VAL A 197 -0.83 18.95 -2.18
C VAL A 197 -0.96 18.05 -3.43
N SER A 198 -1.59 16.87 -3.31
CA SER A 198 -1.78 15.96 -4.47
C SER A 198 -2.58 16.68 -5.56
N GLY A 199 -3.68 17.36 -5.21
CA GLY A 199 -4.49 18.15 -6.17
C GLY A 199 -3.65 19.16 -6.90
N ALA A 200 -2.78 19.86 -6.19
CA ALA A 200 -1.93 20.93 -6.74
C ALA A 200 -0.88 20.29 -7.67
N ILE A 201 -0.30 19.17 -7.27
CA ILE A 201 0.70 18.48 -8.13
C ILE A 201 0.04 18.07 -9.45
N LEU A 202 -1.15 17.48 -9.40
CA LEU A 202 -1.84 17.00 -10.63
C LEU A 202 -2.07 18.19 -11.57
N ALA A 203 -2.47 19.34 -11.03
CA ALA A 203 -2.76 20.56 -11.80
C ALA A 203 -1.47 21.14 -12.37
N GLY A 204 -0.32 20.69 -11.91
CA GLY A 204 1.00 21.25 -12.30
C GLY A 204 1.31 22.55 -11.58
N ALA A 205 0.83 22.74 -10.36
CA ALA A 205 1.07 23.94 -9.54
C ALA A 205 2.57 24.05 -9.21
N SER A 206 3.06 25.28 -9.05
CA SER A 206 4.42 25.58 -8.55
C SER A 206 4.61 24.95 -7.16
N GLU A 207 5.86 24.65 -6.79
CA GLU A 207 6.24 24.21 -5.43
C GLU A 207 5.75 25.22 -4.39
N GLU A 208 5.78 26.52 -4.70
CA GLU A 208 5.30 27.61 -3.79
C GLU A 208 3.82 27.40 -3.48
N LEU A 209 2.99 27.25 -4.52
CA LEU A 209 1.54 27.04 -4.38
C LEU A 209 1.31 25.77 -3.56
N GLN A 210 2.05 24.70 -3.88
CA GLN A 210 1.97 23.42 -3.13
C GLN A 210 2.23 23.66 -1.64
N GLU A 211 3.25 24.46 -1.32
CA GLU A 211 3.69 24.73 0.07
C GLU A 211 2.63 25.57 0.78
N GLN A 212 1.98 26.49 0.06
CA GLN A 212 0.91 27.33 0.67
C GLN A 212 -0.28 26.45 1.03
N LEU A 213 -0.67 25.53 0.15
CA LEU A 213 -1.77 24.56 0.45
C LEU A 213 -1.33 23.63 1.58
N ARG A 214 -0.07 23.19 1.60
CA ARG A 214 0.41 22.32 2.70
C ARG A 214 0.23 23.04 4.03
N THR A 215 0.63 24.32 4.12
CA THR A 215 0.52 25.15 5.35
C THR A 215 -0.95 25.22 5.74
N TYR A 216 -1.82 25.59 4.78
CA TYR A 216 -3.29 25.66 4.98
C TYR A 216 -3.77 24.40 5.69
N ALA A 217 -3.44 23.22 5.12
CA ALA A 217 -3.95 21.91 5.58
C ALA A 217 -3.38 21.58 6.95
N GLN A 218 -2.08 21.76 7.14
CA GLN A 218 -1.42 21.51 8.43
C GLN A 218 -2.08 22.39 9.52
N LYS A 219 -2.24 23.68 9.25
CA LYS A 219 -2.70 24.65 10.29
C LYS A 219 -4.19 24.41 10.56
N ILE A 220 -4.97 24.15 9.51
CA ILE A 220 -6.44 23.97 9.70
C ILE A 220 -6.67 22.64 10.41
N GLY A 221 -5.87 21.62 10.09
CA GLY A 221 -5.90 20.32 10.79
C GLY A 221 -5.62 20.46 12.29
N LEU A 222 -4.56 21.19 12.62
CA LEU A 222 -4.17 21.42 14.04
C LEU A 222 -5.25 22.28 14.71
N ALA A 223 -5.72 23.35 14.06
CA ALA A 223 -6.80 24.21 14.62
C ALA A 223 -8.00 23.32 14.97
N PHE A 224 -8.35 22.39 14.08
CA PHE A 224 -9.47 21.46 14.31
C PHE A 224 -9.26 20.68 15.62
N GLN A 225 -8.07 20.13 15.84
CA GLN A 225 -7.78 19.25 17.00
C GLN A 225 -7.78 20.07 18.30
N VAL A 226 -7.21 21.27 18.27
CA VAL A 226 -7.15 22.20 19.44
C VAL A 226 -8.58 22.59 19.83
N ILE A 227 -9.37 23.05 18.87
CA ILE A 227 -10.79 23.46 19.10
C ILE A 227 -11.58 22.25 19.61
N ASP A 228 -11.38 21.08 19.03
CA ASP A 228 -12.07 19.85 19.49
C ASP A 228 -11.81 19.63 20.99
N ASP A 229 -10.57 19.81 21.44
CA ASP A 229 -10.16 19.62 22.87
C ASP A 229 -10.82 20.70 23.73
N ILE A 230 -10.94 21.93 23.23
CA ILE A 230 -11.60 23.04 23.99
C ILE A 230 -13.10 22.71 24.14
N LEU A 231 -13.76 22.37 23.04
CA LEU A 231 -15.19 21.92 23.04
C LEU A 231 -15.40 20.78 24.03
N ASP A 232 -14.48 19.82 24.13
CA ASP A 232 -14.60 18.65 25.04
C ASP A 232 -14.74 19.11 26.51
N ILE A 233 -14.04 20.15 26.94
CA ILE A 233 -14.06 20.62 28.35
C ILE A 233 -15.04 21.80 28.49
N THR A 234 -15.40 22.46 27.41
CA THR A 234 -16.32 23.64 27.43
C THR A 234 -17.76 23.12 27.45
N ALA A 235 -17.96 21.80 27.39
CA ALA A 235 -19.27 21.15 27.55
C ALA A 235 -19.73 21.29 29.01
N LYS A 252 -4.71 11.50 30.00
CA LYS A 252 -4.95 11.64 28.54
C LYS A 252 -4.62 13.07 28.08
N ALA A 253 -3.42 13.32 27.57
CA ALA A 253 -2.92 14.68 27.33
C ALA A 253 -3.81 15.34 26.29
N THR A 254 -4.22 16.58 26.58
CA THR A 254 -4.97 17.43 25.63
C THR A 254 -4.27 18.79 25.54
N TYR A 255 -4.66 19.62 24.59
CA TYR A 255 -4.14 20.99 24.49
C TYR A 255 -4.45 21.74 25.79
N PRO A 256 -5.68 21.69 26.34
CA PRO A 256 -5.94 22.34 27.64
C PRO A 256 -5.13 21.79 28.82
N SER A 257 -4.97 20.46 28.90
CA SER A 257 -4.20 19.78 29.98
C SER A 257 -2.72 20.16 29.88
N LEU A 258 -2.22 20.56 28.71
CA LEU A 258 -0.78 20.90 28.50
C LEU A 258 -0.57 22.41 28.45
N LEU A 259 -1.47 23.17 27.81
CA LEU A 259 -1.26 24.63 27.59
C LEU A 259 -2.08 25.47 28.58
N GLY A 260 -3.12 24.88 29.18
CA GLY A 260 -4.19 25.63 29.85
C GLY A 260 -5.21 26.09 28.83
N LEU A 261 -6.40 26.44 29.30
CA LEU A 261 -7.53 26.88 28.43
C LEU A 261 -7.14 28.13 27.62
N ASP A 262 -6.55 29.13 28.27
CA ASP A 262 -6.34 30.45 27.63
C ASP A 262 -5.35 30.33 26.47
N ALA A 263 -4.18 29.74 26.72
CA ALA A 263 -3.17 29.56 25.65
C ALA A 263 -3.73 28.66 24.54
N SER A 264 -4.59 27.68 24.87
CA SER A 264 -5.22 26.82 23.83
C SER A 264 -6.06 27.67 22.88
N ARG A 265 -6.84 28.62 23.42
CA ARG A 265 -7.73 29.51 22.63
C ARG A 265 -6.88 30.37 21.69
N GLU A 266 -5.80 30.93 22.22
CA GLU A 266 -4.88 31.79 21.44
C GLU A 266 -4.17 30.97 20.36
N TYR A 267 -3.78 29.76 20.71
CA TYR A 267 -3.10 28.85 19.75
C TYR A 267 -4.07 28.57 18.60
N ALA A 268 -5.30 28.17 18.91
CA ALA A 268 -6.35 27.90 17.91
C ALA A 268 -6.49 29.11 16.97
N ASP A 269 -6.56 30.32 17.52
N ASP A 269 -6.56 30.32 17.53
CA ASP A 269 -6.72 31.57 16.73
CA ASP A 269 -6.72 31.58 16.74
C ASP A 269 -5.49 31.79 15.85
C ASP A 269 -5.49 31.80 15.85
N GLN A 270 -4.29 31.54 16.38
CA GLN A 270 -3.02 31.71 15.62
C GLN A 270 -3.03 30.70 14.45
N LEU A 271 -3.46 29.47 14.72
CA LEU A 271 -3.47 28.38 13.70
C LEU A 271 -4.42 28.76 12.57
N ILE A 272 -5.61 29.27 12.88
CA ILE A 272 -6.64 29.62 11.85
C ILE A 272 -6.11 30.79 11.03
N THR A 273 -5.51 31.78 11.68
CA THR A 273 -4.94 32.99 11.04
C THR A 273 -3.88 32.56 10.02
N GLU A 274 -2.94 31.72 10.43
CA GLU A 274 -1.88 31.18 9.54
C GLU A 274 -2.53 30.43 8.36
N ALA A 275 -3.56 29.61 8.62
CA ALA A 275 -4.24 28.81 7.58
C ALA A 275 -4.83 29.75 6.52
N LYS A 276 -5.58 30.76 6.96
CA LYS A 276 -6.26 31.71 6.06
C LYS A 276 -5.21 32.52 5.29
N ALA A 277 -4.13 32.95 5.94
CA ALA A 277 -3.02 33.73 5.34
C ALA A 277 -2.40 32.94 4.16
N ALA A 278 -2.18 31.64 4.33
CA ALA A 278 -1.56 30.76 3.31
C ALA A 278 -2.32 30.82 1.98
N ILE A 279 -3.65 31.00 2.02
CA ILE A 279 -4.49 31.02 0.78
C ILE A 279 -5.12 32.40 0.58
N ALA A 280 -4.63 33.43 1.27
CA ALA A 280 -5.18 34.81 1.20
C ALA A 280 -5.10 35.35 -0.24
N ALA A 281 -4.05 35.03 -0.98
CA ALA A 281 -3.74 35.60 -2.32
C ALA A 281 -4.79 35.17 -3.37
N PHE A 282 -5.44 34.02 -3.19
CA PHE A 282 -6.30 33.42 -4.24
C PHE A 282 -7.61 34.20 -4.34
N GLY A 283 -8.32 33.99 -5.44
CA GLY A 283 -9.70 34.49 -5.64
C GLY A 283 -10.73 33.47 -5.18
N ALA A 284 -11.82 33.33 -5.94
CA ALA A 284 -13.08 32.70 -5.47
C ALA A 284 -12.89 31.19 -5.42
N GLU A 285 -11.88 30.67 -6.14
CA GLU A 285 -11.65 29.20 -6.21
C GLU A 285 -11.18 28.69 -4.84
N ALA A 286 -10.68 29.59 -3.99
CA ALA A 286 -10.23 29.25 -2.61
C ALA A 286 -11.41 29.30 -1.65
N ASP A 287 -12.61 29.72 -2.08
CA ASP A 287 -13.77 29.91 -1.19
C ASP A 287 -14.11 28.64 -0.41
N PRO A 288 -14.13 27.45 -1.02
CA PRO A 288 -14.41 26.22 -0.26
C PRO A 288 -13.42 26.03 0.91
N LEU A 289 -12.12 26.27 0.70
CA LEU A 289 -11.07 26.08 1.75
C LEU A 289 -11.26 27.13 2.85
N ARG A 290 -11.56 28.36 2.42
CA ARG A 290 -11.84 29.50 3.34
C ARG A 290 -13.06 29.21 4.22
N ALA A 291 -14.14 28.69 3.60
CA ALA A 291 -15.42 28.37 4.26
C ALA A 291 -15.18 27.30 5.33
N ILE A 292 -14.30 26.35 5.04
CA ILE A 292 -13.93 25.27 6.00
C ILE A 292 -13.24 25.93 7.21
N ALA A 293 -12.30 26.83 6.96
CA ALA A 293 -11.61 27.59 8.03
C ALA A 293 -12.61 28.49 8.79
N ASP A 294 -13.49 29.20 8.07
CA ASP A 294 -14.47 30.13 8.72
C ASP A 294 -15.36 29.33 9.65
N TYR A 295 -15.75 28.12 9.25
CA TYR A 295 -16.67 27.29 10.07
C TYR A 295 -15.95 26.87 11.37
N ILE A 296 -14.72 26.35 11.27
CA ILE A 296 -13.88 25.95 12.43
C ILE A 296 -13.61 27.20 13.31
N THR A 297 -13.30 28.36 12.72
CA THR A 297 -13.16 29.64 13.47
C THR A 297 -14.45 29.89 14.27
N ALA A 298 -15.56 29.93 13.56
CA ALA A 298 -16.89 30.25 14.12
C ALA A 298 -17.17 29.32 15.31
N ARG A 299 -16.84 28.04 15.23
CA ARG A 299 -17.13 27.10 16.34
C ARG A 299 -16.27 27.45 17.55
N LYS A 300 -15.05 27.95 17.31
CA LYS A 300 -14.12 28.41 18.37
C LYS A 300 -14.74 29.62 19.08
N HIS A 301 -15.02 30.69 18.33
CA HIS A 301 -15.52 31.99 18.86
C HIS A 301 -16.81 31.81 19.65
N LEU A 302 -17.69 30.89 19.25
CA LEU A 302 -19.04 30.74 19.85
C LEU A 302 -19.00 30.16 21.27
N LEU A 303 -17.83 29.77 21.79
CA LEU A 303 -17.73 29.38 23.23
C LEU A 303 -17.45 30.64 24.07
N GLU A 304 -16.61 31.55 23.55
CA GLU A 304 -16.25 32.87 24.14
C GLU A 304 -17.29 33.91 23.75
N VAL B 2 17.68 -32.20 -20.72
CA VAL B 2 18.96 -31.45 -20.97
C VAL B 2 18.82 -30.05 -20.33
N ALA B 3 19.58 -29.77 -19.28
CA ALA B 3 19.67 -28.43 -18.64
C ALA B 3 19.78 -27.36 -19.72
N SER B 4 19.00 -26.28 -19.63
CA SER B 4 19.01 -25.13 -20.59
C SER B 4 20.19 -24.17 -20.31
N SER B 5 20.59 -24.00 -19.03
CA SER B 5 21.68 -23.08 -18.58
C SER B 5 23.06 -23.63 -18.95
N SER B 6 24.08 -22.78 -18.94
CA SER B 6 25.50 -23.18 -19.12
C SER B 6 25.82 -24.33 -18.17
N LEU B 7 26.65 -25.27 -18.64
CA LEU B 7 27.05 -26.50 -17.89
C LEU B 7 27.61 -26.12 -16.52
N ARG B 8 28.39 -25.04 -16.46
CA ARG B 8 29.15 -24.67 -15.25
C ARG B 8 28.34 -23.73 -14.36
N PHE B 9 27.15 -23.28 -14.78
CA PHE B 9 26.40 -22.25 -14.00
C PHE B 9 26.16 -22.75 -12.58
N ASP B 10 26.67 -22.02 -11.59
CA ASP B 10 26.54 -22.37 -10.15
C ASP B 10 25.41 -21.52 -9.57
N LEU B 11 24.18 -22.06 -9.50
CA LEU B 11 23.00 -21.32 -9.01
C LEU B 11 23.19 -20.95 -7.53
N LYS B 12 23.75 -21.83 -6.72
CA LYS B 12 23.92 -21.59 -5.26
C LYS B 12 24.79 -20.35 -5.04
N SER B 13 25.88 -20.27 -5.79
CA SER B 13 26.86 -19.17 -5.73
C SER B 13 26.22 -17.88 -6.21
N TYR B 14 25.51 -17.92 -7.35
CA TYR B 14 24.84 -16.75 -7.95
C TYR B 14 23.81 -16.19 -6.97
N LEU B 15 23.00 -17.07 -6.38
CA LEU B 15 21.94 -16.67 -5.44
C LEU B 15 22.56 -16.07 -4.17
N LYS B 16 23.68 -16.62 -3.69
CA LYS B 16 24.31 -16.14 -2.43
C LYS B 16 24.85 -14.72 -2.62
N GLU B 17 25.48 -14.45 -3.76
CA GLU B 17 26.05 -13.12 -4.11
C GLU B 17 24.90 -12.11 -4.24
N ARG B 18 23.87 -12.48 -5.01
CA ARG B 18 22.71 -11.61 -5.26
C ARG B 18 21.91 -11.39 -3.96
N GLN B 19 21.81 -12.41 -3.09
CA GLN B 19 21.19 -12.27 -1.75
C GLN B 19 21.92 -11.19 -0.94
N ARG B 20 23.24 -11.27 -0.91
CA ARG B 20 24.09 -10.30 -0.17
C ARG B 20 23.84 -8.88 -0.69
N GLN B 21 23.80 -8.71 -2.01
CA GLN B 21 23.57 -7.39 -2.64
C GLN B 21 22.19 -6.85 -2.25
N VAL B 22 21.17 -7.72 -2.30
CA VAL B 22 19.78 -7.32 -2.00
C VAL B 22 19.72 -6.93 -0.54
N GLU B 23 20.35 -7.72 0.33
CA GLU B 23 20.20 -7.47 1.79
C GLU B 23 20.92 -6.18 2.19
N ALA B 24 22.03 -5.82 1.54
CA ALA B 24 22.71 -4.52 1.73
C ALA B 24 21.75 -3.39 1.27
N ALA B 25 21.13 -3.53 0.09
CA ALA B 25 20.17 -2.53 -0.41
C ALA B 25 19.00 -2.37 0.59
N LEU B 26 18.49 -3.46 1.13
CA LEU B 26 17.32 -3.40 2.05
C LEU B 26 17.72 -2.61 3.30
N ASN B 27 18.90 -2.84 3.81
CA ASN B 27 19.39 -2.17 5.03
C ASN B 27 19.55 -0.67 4.77
N ALA B 28 20.06 -0.27 3.61
CA ALA B 28 20.28 1.16 3.27
C ALA B 28 18.96 1.84 2.92
N ILE B 29 18.01 1.13 2.28
CA ILE B 29 16.79 1.82 1.77
C ILE B 29 15.82 2.08 2.93
N LEU B 30 15.93 1.30 4.00
CA LEU B 30 15.01 1.44 5.16
C LEU B 30 15.85 1.46 6.42
N PRO B 31 16.57 2.57 6.67
CA PRO B 31 17.41 2.70 7.85
C PRO B 31 16.57 2.91 9.10
N PRO B 32 17.11 2.60 10.30
CA PRO B 32 16.40 2.88 11.54
C PRO B 32 16.08 4.40 11.56
N GLN B 33 14.86 4.74 11.92
CA GLN B 33 14.33 6.13 11.93
C GLN B 33 13.31 6.23 13.07
N ASP B 34 12.65 7.39 13.20
CA ASP B 34 11.66 7.68 14.27
C ASP B 34 10.24 7.59 13.71
N PRO B 35 9.27 7.04 14.49
CA PRO B 35 9.52 6.45 15.80
C PRO B 35 10.28 5.14 15.70
N PRO B 36 11.29 4.90 16.56
CA PRO B 36 12.17 3.74 16.42
C PRO B 36 11.43 2.41 16.34
N LEU B 37 10.38 2.24 17.14
CA LEU B 37 9.64 0.96 17.27
C LEU B 37 9.10 0.51 15.91
N ILE B 38 8.55 1.40 15.08
CA ILE B 38 7.92 0.96 13.80
C ILE B 38 9.03 0.49 12.82
N TYR B 39 10.11 1.25 12.68
CA TYR B 39 11.28 0.89 11.83
C TYR B 39 11.93 -0.39 12.35
N GLU B 40 11.98 -0.59 13.68
CA GLU B 40 12.59 -1.79 14.28
C GLU B 40 11.76 -3.00 13.87
N SER B 41 10.44 -2.90 14.01
CA SER B 41 9.49 -4.00 13.67
C SER B 41 9.58 -4.27 12.16
N MET B 42 9.53 -3.24 11.32
CA MET B 42 9.59 -3.43 9.84
C MET B 42 10.90 -4.15 9.47
N ARG B 43 12.02 -3.66 9.98
CA ARG B 43 13.36 -4.24 9.71
C ARG B 43 13.50 -5.65 10.30
N TYR B 44 12.86 -5.91 11.44
CA TYR B 44 12.92 -7.23 12.14
C TYR B 44 12.49 -8.31 11.14
N SER B 45 11.38 -8.09 10.44
CA SER B 45 10.84 -9.08 9.47
C SER B 45 11.59 -8.94 8.14
N LEU B 46 11.87 -7.71 7.70
CA LEU B 46 12.41 -7.46 6.34
C LEU B 46 13.79 -8.08 6.22
N LEU B 47 14.59 -7.97 7.29
CA LEU B 47 16.03 -8.34 7.24
C LEU B 47 16.25 -9.70 7.86
N ALA B 48 15.19 -10.35 8.34
CA ALA B 48 15.26 -11.78 8.75
C ALA B 48 15.68 -12.59 7.50
N GLU B 49 16.38 -13.68 7.74
CA GLU B 49 16.84 -14.68 6.74
C GLU B 49 15.76 -14.91 5.68
N GLY B 50 16.06 -14.62 4.42
CA GLY B 50 15.18 -14.97 3.30
C GLY B 50 16.00 -15.34 2.09
N LYS B 51 15.44 -16.10 1.16
CA LYS B 51 16.11 -16.46 -0.09
C LYS B 51 16.11 -15.26 -1.04
N ARG B 52 15.21 -14.30 -0.86
CA ARG B 52 15.18 -13.05 -1.70
C ARG B 52 14.93 -13.37 -3.19
N LEU B 53 14.14 -14.39 -3.50
CA LEU B 53 14.01 -14.87 -4.90
C LEU B 53 13.29 -13.81 -5.74
N ARG B 54 12.37 -13.05 -5.17
CA ARG B 54 11.61 -12.06 -5.97
C ARG B 54 12.50 -10.89 -6.37
N PRO B 55 13.24 -10.22 -5.44
CA PRO B 55 14.20 -9.21 -5.85
C PRO B 55 15.23 -9.76 -6.86
N ILE B 56 15.74 -10.95 -6.64
CA ILE B 56 16.80 -11.56 -7.51
C ILE B 56 16.24 -11.76 -8.92
N LEU B 57 15.01 -12.25 -9.02
CA LEU B 57 14.31 -12.41 -10.32
C LEU B 57 14.19 -11.05 -11.02
N CYS B 58 13.85 -10.02 -10.25
CA CYS B 58 13.72 -8.64 -10.78
C CYS B 58 15.05 -8.18 -11.36
N LEU B 59 16.14 -8.27 -10.58
CA LEU B 59 17.48 -7.81 -11.02
C LEU B 59 17.90 -8.60 -12.25
N ALA B 60 17.68 -9.91 -12.25
CA ALA B 60 18.08 -10.83 -13.33
C ALA B 60 17.31 -10.48 -14.60
N SER B 61 16.02 -10.16 -14.46
CA SER B 61 15.12 -9.84 -15.60
C SER B 61 15.51 -8.50 -16.21
N CYS B 62 15.78 -7.53 -15.35
CA CYS B 62 16.30 -6.21 -15.77
C CYS B 62 17.58 -6.41 -16.60
N GLU B 63 18.53 -7.15 -16.06
CA GLU B 63 19.83 -7.37 -16.74
C GLU B 63 19.60 -8.14 -18.05
N LEU B 64 18.74 -9.15 -18.04
CA LEU B 64 18.40 -9.95 -19.24
C LEU B 64 17.89 -8.98 -20.32
N ALA B 65 17.10 -7.98 -19.94
CA ALA B 65 16.53 -7.00 -20.90
C ALA B 65 17.51 -5.86 -21.24
N GLY B 66 18.77 -5.92 -20.77
CA GLY B 66 19.80 -4.94 -21.16
C GLY B 66 19.96 -3.82 -20.15
N GLY B 67 19.25 -3.92 -19.02
CA GLY B 67 19.27 -2.88 -17.98
C GLY B 67 20.34 -3.18 -16.97
N THR B 68 20.51 -2.33 -15.98
CA THR B 68 21.46 -2.55 -14.86
C THR B 68 20.71 -2.96 -13.61
N ALA B 69 21.42 -3.59 -12.70
CA ALA B 69 20.94 -3.89 -11.33
C ALA B 69 20.59 -2.57 -10.65
N ALA B 70 21.39 -1.53 -10.87
CA ALA B 70 21.22 -0.24 -10.18
C ALA B 70 19.82 0.35 -10.42
N ILE B 71 19.26 0.27 -11.63
CA ILE B 71 17.96 0.94 -11.96
C ILE B 71 16.82 0.15 -11.33
N ALA B 72 17.05 -1.14 -11.08
CA ALA B 72 16.04 -2.09 -10.63
C ALA B 72 16.09 -2.27 -9.10
N LEU B 73 17.13 -1.79 -8.42
CA LEU B 73 17.37 -2.20 -7.00
C LEU B 73 16.25 -1.66 -6.11
N PRO B 74 15.78 -0.42 -6.27
CA PRO B 74 14.65 0.06 -5.46
C PRO B 74 13.41 -0.83 -5.69
N THR B 75 13.11 -1.18 -6.93
CA THR B 75 11.94 -2.03 -7.26
C THR B 75 12.15 -3.41 -6.67
N ALA B 76 13.37 -3.92 -6.73
CA ALA B 76 13.72 -5.22 -6.11
C ALA B 76 13.43 -5.20 -4.61
N CYS B 77 13.89 -4.16 -3.92
CA CYS B 77 13.62 -3.98 -2.47
C CYS B 77 12.11 -3.91 -2.23
N ALA B 78 11.38 -3.17 -3.10
CA ALA B 78 9.91 -3.01 -3.03
C ALA B 78 9.24 -4.39 -3.07
N LEU B 79 9.66 -5.25 -3.99
CA LEU B 79 9.05 -6.60 -4.14
C LEU B 79 9.29 -7.37 -2.85
N GLU B 80 10.48 -7.23 -2.25
CA GLU B 80 10.78 -7.93 -0.98
C GLU B 80 9.95 -7.35 0.16
N MET B 81 9.71 -6.04 0.17
CA MET B 81 8.89 -5.38 1.21
C MET B 81 7.46 -5.93 1.12
N VAL B 82 6.92 -6.01 -0.08
CA VAL B 82 5.53 -6.48 -0.28
C VAL B 82 5.46 -7.94 0.14
N HIS B 83 6.38 -8.78 -0.33
CA HIS B 83 6.49 -10.19 0.10
C HIS B 83 6.53 -10.27 1.65
N THR B 84 7.40 -9.45 2.26
CA THR B 84 7.61 -9.48 3.73
C THR B 84 6.29 -9.10 4.42
N MET B 85 5.60 -8.07 3.95
CA MET B 85 4.36 -7.62 4.64
C MET B 85 3.28 -8.70 4.51
N SER B 86 3.25 -9.43 3.39
CA SER B 86 2.29 -10.53 3.17
C SER B 86 2.51 -11.64 4.20
N LEU B 87 3.77 -11.95 4.53
CA LEU B 87 4.15 -12.95 5.55
C LEU B 87 3.77 -12.43 6.93
N ILE B 88 4.10 -11.18 7.27
CA ILE B 88 3.73 -10.58 8.59
C ILE B 88 2.22 -10.72 8.83
N HIS B 89 1.40 -10.33 7.84
CA HIS B 89 -0.08 -10.36 7.98
C HIS B 89 -0.57 -11.81 8.02
N ASP B 90 0.04 -12.69 7.21
CA ASP B 90 -0.34 -14.11 7.10
C ASP B 90 -0.06 -14.84 8.43
N ASP B 91 0.98 -14.44 9.15
CA ASP B 91 1.42 -15.06 10.43
C ASP B 91 0.51 -14.65 11.59
N LEU B 92 -0.29 -13.58 11.44
CA LEU B 92 -1.09 -13.01 12.56
C LEU B 92 -2.03 -14.06 13.13
N PRO B 93 -2.35 -13.95 14.45
CA PRO B 93 -3.34 -14.80 15.12
C PRO B 93 -4.68 -15.00 14.38
N SER B 94 -5.18 -13.93 13.75
CA SER B 94 -6.46 -13.90 12.99
C SER B 94 -6.31 -14.67 11.68
N MET B 95 -5.08 -14.92 11.24
CA MET B 95 -4.75 -15.66 9.99
C MET B 95 -4.10 -17.00 10.35
N ASP B 96 -2.85 -17.26 10.02
CA ASP B 96 -2.24 -18.60 10.25
C ASP B 96 -1.81 -18.76 11.70
N ASN B 97 -1.65 -17.69 12.47
CA ASN B 97 -1.30 -17.75 13.92
C ASN B 97 0.00 -18.57 14.08
N ASP B 98 1.08 -18.16 13.41
CA ASP B 98 2.41 -18.83 13.48
C ASP B 98 3.28 -18.15 14.52
N ASP B 99 4.05 -18.95 15.24
CA ASP B 99 4.96 -18.48 16.31
C ASP B 99 6.33 -18.13 15.72
N PHE B 100 6.67 -18.72 14.57
CA PHE B 100 8.02 -18.65 13.95
C PHE B 100 7.92 -18.32 12.47
N ARG B 101 8.86 -17.47 12.00
CA ARG B 101 9.01 -17.00 10.60
C ARG B 101 10.47 -16.56 10.37
N ARG B 102 11.09 -17.08 9.30
CA ARG B 102 12.48 -16.72 8.89
C ARG B 102 13.42 -16.99 10.06
N GLY B 103 13.17 -18.07 10.80
CA GLY B 103 14.08 -18.59 11.84
C GLY B 103 14.02 -17.79 13.13
N ARG B 104 13.01 -16.94 13.31
CA ARG B 104 12.85 -16.19 14.58
C ARG B 104 11.37 -16.13 14.93
N PRO B 105 11.04 -15.72 16.17
CA PRO B 105 9.66 -15.40 16.52
C PRO B 105 9.01 -14.50 15.46
N THR B 106 7.76 -14.77 15.17
CA THR B 106 6.93 -13.92 14.27
C THR B 106 6.87 -12.51 14.85
N ASN B 107 6.69 -11.53 13.96
CA ASN B 107 6.69 -10.09 14.29
C ASN B 107 5.78 -9.85 15.51
N HIS B 108 4.57 -10.40 15.51
CA HIS B 108 3.53 -10.02 16.51
C HIS B 108 3.90 -10.62 17.87
N LYS B 109 4.67 -11.69 17.90
CA LYS B 109 5.15 -12.29 19.17
C LYS B 109 6.15 -11.34 19.82
N VAL B 110 6.89 -10.57 19.03
CA VAL B 110 7.92 -9.65 19.57
C VAL B 110 7.28 -8.29 19.87
N TYR B 111 6.44 -7.77 18.97
CA TYR B 111 6.05 -6.35 18.98
C TYR B 111 4.57 -6.18 19.29
N GLY B 112 3.79 -7.26 19.33
CA GLY B 112 2.34 -7.24 19.49
C GLY B 112 1.67 -7.19 18.12
N GLU B 113 0.42 -7.64 18.09
CA GLU B 113 -0.38 -7.76 16.85
C GLU B 113 -0.58 -6.36 16.22
N ASP B 114 -0.86 -5.34 17.04
CA ASP B 114 -1.09 -3.96 16.55
C ASP B 114 0.15 -3.47 15.79
N ILE B 115 1.33 -3.56 16.40
CA ILE B 115 2.57 -3.09 15.74
C ILE B 115 2.86 -3.96 14.51
N ALA B 116 2.63 -5.26 14.57
CA ALA B 116 2.90 -6.15 13.42
C ALA B 116 2.00 -5.71 12.24
N ILE B 117 0.72 -5.44 12.51
CA ILE B 117 -0.23 -5.01 11.44
C ILE B 117 0.32 -3.74 10.80
N LEU B 118 0.69 -2.78 11.66
CA LEU B 118 1.15 -1.44 11.24
C LEU B 118 2.49 -1.55 10.51
N ALA B 119 3.41 -2.39 10.98
CA ALA B 119 4.69 -2.67 10.28
C ALA B 119 4.42 -3.15 8.86
N GLY B 120 3.51 -4.13 8.72
CA GLY B 120 3.05 -4.66 7.42
C GLY B 120 2.51 -3.56 6.52
N ASP B 121 1.64 -2.70 7.05
CA ASP B 121 1.00 -1.61 6.29
C ASP B 121 2.09 -0.63 5.82
N ALA B 122 3.02 -0.30 6.71
CA ALA B 122 4.13 0.64 6.39
C ALA B 122 5.09 0.02 5.35
N LEU B 123 5.34 -1.29 5.40
CA LEU B 123 6.20 -1.95 4.37
C LEU B 123 5.49 -1.93 3.01
N LEU B 124 4.19 -2.21 3.00
CA LEU B 124 3.39 -2.19 1.75
C LEU B 124 3.48 -0.80 1.11
N THR B 125 3.23 0.24 1.93
CA THR B 125 3.28 1.66 1.52
C THR B 125 4.69 2.00 1.03
N TYR B 126 5.71 1.65 1.80
CA TYR B 126 7.10 2.03 1.47
C TYR B 126 7.53 1.40 0.15
N ALA B 127 7.03 0.20 -0.19
CA ALA B 127 7.33 -0.46 -1.47
C ALA B 127 7.01 0.52 -2.62
N PHE B 128 5.82 1.12 -2.60
CA PHE B 128 5.39 2.07 -3.66
C PHE B 128 6.25 3.34 -3.58
N GLU B 129 6.57 3.82 -2.37
CA GLU B 129 7.42 5.04 -2.26
C GLU B 129 8.80 4.79 -2.86
N ALA B 130 9.43 3.66 -2.52
CA ALA B 130 10.80 3.30 -2.97
C ALA B 130 10.86 3.30 -4.50
N ILE B 131 9.87 2.72 -5.15
CA ILE B 131 9.82 2.68 -6.64
C ILE B 131 9.70 4.11 -7.19
N ALA B 132 8.70 4.85 -6.70
CA ALA B 132 8.34 6.20 -7.21
C ALA B 132 9.43 7.22 -6.88
N ARG B 133 10.06 7.13 -5.70
CA ARG B 133 11.02 8.14 -5.19
C ARG B 133 12.46 7.78 -5.58
N HIS B 134 12.86 6.50 -5.54
CA HIS B 134 14.31 6.14 -5.45
C HIS B 134 14.83 5.49 -6.72
N THR B 135 13.94 5.16 -7.65
CA THR B 135 14.38 4.56 -8.93
C THR B 135 15.25 5.59 -9.64
N PRO B 136 16.55 5.29 -9.89
CA PRO B 136 17.51 6.24 -10.47
C PRO B 136 17.39 6.41 -11.99
N GLU B 137 16.92 7.59 -12.42
CA GLU B 137 17.01 8.05 -13.83
C GLU B 137 16.48 6.95 -14.76
N VAL B 138 15.23 6.56 -14.55
CA VAL B 138 14.40 5.70 -15.45
C VAL B 138 13.22 6.55 -15.89
N PRO B 139 12.84 6.55 -17.19
CA PRO B 139 11.70 7.31 -17.67
C PRO B 139 10.45 7.04 -16.81
N ALA B 140 9.79 8.12 -16.45
CA ALA B 140 8.66 8.13 -15.49
C ALA B 140 7.58 7.16 -15.97
N ASP B 141 7.34 7.05 -17.27
CA ASP B 141 6.23 6.24 -17.83
C ASP B 141 6.47 4.78 -17.46
N ARG B 142 7.72 4.31 -17.52
CA ARG B 142 8.05 2.90 -17.16
C ARG B 142 7.87 2.69 -15.65
N VAL B 143 8.32 3.64 -14.85
CA VAL B 143 8.25 3.52 -13.37
C VAL B 143 6.77 3.48 -12.97
N LEU B 144 5.94 4.29 -13.61
CA LEU B 144 4.48 4.32 -13.31
C LEU B 144 3.85 2.98 -13.70
N LYS B 145 4.29 2.38 -14.81
CA LYS B 145 3.79 1.04 -15.20
C LYS B 145 4.19 0.02 -14.14
N VAL B 146 5.37 0.15 -13.54
CA VAL B 146 5.78 -0.79 -12.46
C VAL B 146 4.83 -0.59 -11.28
N ILE B 147 4.54 0.66 -10.90
CA ILE B 147 3.59 0.94 -9.78
C ILE B 147 2.27 0.24 -10.08
N ALA B 148 1.69 0.47 -11.27
CA ALA B 148 0.38 -0.11 -11.64
C ALA B 148 0.44 -1.64 -11.64
N ALA B 149 1.50 -2.21 -12.22
CA ALA B 149 1.63 -3.69 -12.29
C ALA B 149 1.82 -4.26 -10.89
N LEU B 150 2.58 -3.63 -10.01
CA LEU B 150 2.82 -4.20 -8.66
C LEU B 150 1.51 -4.11 -7.88
N ALA B 151 0.81 -2.97 -8.00
CA ALA B 151 -0.45 -2.76 -7.26
C ALA B 151 -1.43 -3.86 -7.70
N ARG B 152 -1.59 -4.07 -9.01
CA ARG B 152 -2.50 -5.12 -9.54
C ARG B 152 -2.06 -6.50 -9.01
N ALA B 153 -0.77 -6.80 -8.99
CA ALA B 153 -0.22 -8.12 -8.59
C ALA B 153 -0.47 -8.39 -7.09
N VAL B 154 -0.53 -7.38 -6.25
CA VAL B 154 -0.52 -7.53 -4.75
C VAL B 154 -1.96 -7.40 -4.19
N GLY B 155 -2.84 -6.73 -4.93
CA GLY B 155 -4.19 -6.45 -4.43
C GLY B 155 -5.18 -7.59 -4.65
N ALA B 156 -6.45 -7.22 -4.73
CA ALA B 156 -7.60 -8.13 -4.79
C ALA B 156 -7.57 -8.95 -6.09
N GLU B 157 -6.88 -8.46 -7.11
CA GLU B 157 -6.73 -9.14 -8.42
C GLU B 157 -5.54 -10.10 -8.35
N GLY B 158 -4.73 -10.07 -7.30
CA GLY B 158 -3.52 -10.92 -7.18
C GLY B 158 -3.38 -11.51 -5.79
N LEU B 159 -2.28 -11.19 -5.12
CA LEU B 159 -1.88 -11.81 -3.84
C LEU B 159 -3.07 -11.83 -2.86
N VAL B 160 -3.73 -10.69 -2.60
CA VAL B 160 -4.83 -10.67 -1.60
C VAL B 160 -6.01 -11.53 -2.10
N GLY B 161 -6.34 -11.46 -3.39
CA GLY B 161 -7.39 -12.32 -3.96
C GLY B 161 -7.10 -13.78 -3.68
N GLY B 162 -5.87 -14.22 -3.94
CA GLY B 162 -5.39 -15.57 -3.62
C GLY B 162 -5.51 -15.94 -2.14
N GLN B 163 -5.11 -15.05 -1.24
CA GLN B 163 -5.15 -15.29 0.22
C GLN B 163 -6.60 -15.51 0.62
N VAL B 164 -7.50 -14.73 0.02
CA VAL B 164 -8.94 -14.80 0.36
C VAL B 164 -9.51 -16.15 -0.09
N VAL B 165 -9.30 -16.57 -1.31
CA VAL B 165 -9.83 -17.88 -1.80
C VAL B 165 -9.17 -19.02 -1.01
N ASP B 166 -7.88 -18.89 -0.68
CA ASP B 166 -7.17 -19.83 0.23
C ASP B 166 -7.91 -19.94 1.57
N LEU B 167 -8.26 -18.80 2.18
CA LEU B 167 -9.00 -18.79 3.47
C LEU B 167 -10.39 -19.42 3.30
N GLN B 168 -11.14 -19.04 2.26
CA GLN B 168 -12.48 -19.62 1.93
C GLN B 168 -12.39 -21.13 1.67
N SER B 169 -11.25 -21.65 1.18
CA SER B 169 -11.07 -23.08 0.82
C SER B 169 -10.78 -23.93 2.06
N GLU B 170 -10.30 -23.30 3.14
CA GLU B 170 -9.76 -23.95 4.38
C GLU B 170 -10.61 -25.14 4.84
N GLY B 171 -11.94 -24.98 4.96
CA GLY B 171 -12.80 -25.97 5.64
C GLY B 171 -13.53 -26.91 4.70
N ARG B 172 -13.15 -26.93 3.41
CA ARG B 172 -13.99 -27.47 2.31
C ARG B 172 -13.45 -28.81 1.83
N ASP B 173 -14.33 -29.64 1.29
CA ASP B 173 -13.98 -30.97 0.73
C ASP B 173 -14.29 -30.95 -0.78
N ASP B 174 -14.58 -29.79 -1.36
CA ASP B 174 -15.07 -29.65 -2.76
C ASP B 174 -14.14 -28.75 -3.60
N VAL B 175 -12.90 -28.53 -3.16
CA VAL B 175 -11.92 -27.64 -3.86
C VAL B 175 -11.54 -28.32 -5.16
N ASN B 176 -11.82 -27.68 -6.31
CA ASN B 176 -11.57 -28.29 -7.63
C ASN B 176 -10.28 -27.73 -8.24
N LEU B 177 -9.90 -28.18 -9.44
CA LEU B 177 -8.64 -27.77 -10.09
C LEU B 177 -8.65 -26.27 -10.35
N GLU B 178 -9.79 -25.71 -10.77
CA GLU B 178 -9.96 -24.27 -11.07
C GLU B 178 -9.55 -23.43 -9.85
N THR B 179 -10.05 -23.80 -8.67
CA THR B 179 -9.77 -23.11 -7.40
C THR B 179 -8.29 -23.24 -7.05
N LEU B 180 -7.76 -24.47 -7.08
CA LEU B 180 -6.33 -24.71 -6.74
C LEU B 180 -5.46 -23.86 -7.67
N HIS B 181 -5.76 -23.88 -8.97
CA HIS B 181 -5.04 -23.10 -10.00
C HIS B 181 -5.14 -21.60 -9.68
N TYR B 182 -6.34 -21.14 -9.30
CA TYR B 182 -6.56 -19.72 -8.94
C TYR B 182 -5.63 -19.37 -7.76
N ILE B 183 -5.61 -20.18 -6.71
CA ILE B 183 -4.81 -19.89 -5.49
C ILE B 183 -3.32 -19.79 -5.86
N HIS B 184 -2.79 -20.76 -6.60
N HIS B 184 -2.79 -20.77 -6.58
CA HIS B 184 -1.35 -20.81 -6.95
CA HIS B 184 -1.34 -20.80 -6.95
C HIS B 184 -1.01 -19.64 -7.87
C HIS B 184 -1.01 -19.61 -7.86
N THR B 185 -1.85 -19.31 -8.85
CA THR B 185 -1.53 -18.22 -9.83
C THR B 185 -1.68 -16.84 -9.15
N HIS B 186 -2.54 -16.70 -8.12
CA HIS B 186 -2.88 -15.37 -7.53
C HIS B 186 -2.13 -15.14 -6.22
N LYS B 187 -2.22 -16.08 -5.29
CA LYS B 187 -1.58 -15.96 -3.97
C LYS B 187 -0.06 -15.88 -4.14
N THR B 188 0.51 -16.64 -5.08
CA THR B 188 1.99 -16.74 -5.25
C THR B 188 2.42 -16.25 -6.63
N GLY B 189 1.72 -16.70 -7.67
CA GLY B 189 2.11 -16.45 -9.06
C GLY B 189 2.16 -14.98 -9.39
N ALA B 190 1.17 -14.20 -8.96
CA ALA B 190 1.03 -12.79 -9.40
C ALA B 190 2.33 -12.04 -9.08
N LEU B 191 2.85 -12.22 -7.88
CA LEU B 191 4.00 -11.44 -7.40
C LEU B 191 5.29 -11.96 -8.06
N LEU B 192 5.36 -13.25 -8.33
CA LEU B 192 6.50 -13.80 -9.11
C LEU B 192 6.47 -13.15 -10.50
N GLU B 193 5.28 -13.11 -11.13
CA GLU B 193 5.13 -12.56 -12.49
C GLU B 193 5.62 -11.13 -12.48
N VAL B 194 5.17 -10.34 -11.51
CA VAL B 194 5.52 -8.90 -11.55
C VAL B 194 7.01 -8.74 -11.19
N SER B 195 7.60 -9.63 -10.37
CA SER B 195 9.05 -9.59 -10.08
C SER B 195 9.85 -9.60 -11.39
N VAL B 196 9.61 -10.51 -12.34
CA VAL B 196 10.38 -10.59 -13.62
C VAL B 196 9.92 -9.47 -14.57
N VAL B 197 8.62 -9.26 -14.72
CA VAL B 197 8.08 -8.20 -15.64
C VAL B 197 8.57 -6.81 -15.20
N SER B 198 8.62 -6.51 -13.90
CA SER B 198 9.06 -5.17 -13.38
C SER B 198 10.50 -4.86 -13.82
N GLY B 199 11.42 -5.82 -13.69
CA GLY B 199 12.80 -5.67 -14.18
C GLY B 199 12.84 -5.32 -15.66
N ALA B 200 12.10 -6.06 -16.46
CA ALA B 200 12.01 -5.87 -17.93
C ALA B 200 11.43 -4.50 -18.24
N ILE B 201 10.36 -4.09 -17.57
CA ILE B 201 9.73 -2.77 -17.80
C ILE B 201 10.78 -1.68 -17.57
N LEU B 202 11.50 -1.72 -16.46
CA LEU B 202 12.47 -0.64 -16.13
C LEU B 202 13.57 -0.57 -17.20
N ALA B 203 14.03 -1.71 -17.71
CA ALA B 203 15.08 -1.82 -18.76
C ALA B 203 14.53 -1.31 -20.10
N GLY B 204 13.22 -1.12 -20.23
CA GLY B 204 12.60 -0.69 -21.48
C GLY B 204 12.37 -1.85 -22.44
N ALA B 205 12.15 -3.08 -21.93
CA ALA B 205 11.90 -4.27 -22.77
C ALA B 205 10.58 -4.10 -23.53
N SER B 206 10.51 -4.66 -24.74
CA SER B 206 9.27 -4.73 -25.56
C SER B 206 8.17 -5.47 -24.78
N GLU B 207 6.91 -5.20 -25.15
CA GLU B 207 5.72 -5.94 -24.65
C GLU B 207 5.95 -7.44 -24.82
N GLU B 208 6.51 -7.84 -25.96
CA GLU B 208 6.73 -9.28 -26.30
C GLU B 208 7.66 -9.90 -25.25
N LEU B 209 8.81 -9.27 -25.00
CA LEU B 209 9.82 -9.76 -24.03
C LEU B 209 9.15 -9.84 -22.66
N GLN B 210 8.39 -8.82 -22.27
CA GLN B 210 7.68 -8.77 -20.98
C GLN B 210 6.78 -9.99 -20.86
N GLU B 211 6.03 -10.30 -21.91
CA GLU B 211 5.06 -11.41 -21.97
C GLU B 211 5.81 -12.75 -21.87
N GLN B 212 6.97 -12.85 -22.49
CA GLN B 212 7.79 -14.10 -22.45
C GLN B 212 8.30 -14.33 -21.02
N LEU B 213 8.77 -13.28 -20.35
CA LEU B 213 9.18 -13.39 -18.92
C LEU B 213 7.97 -13.72 -18.05
N ARG B 214 6.81 -13.11 -18.31
CA ARG B 214 5.59 -13.41 -17.53
C ARG B 214 5.26 -14.91 -17.65
N THR B 215 5.31 -15.47 -18.86
CA THR B 215 5.04 -16.90 -19.10
C THR B 215 6.06 -17.73 -18.31
N TYR B 216 7.35 -17.40 -18.43
CA TYR B 216 8.43 -18.05 -17.67
C TYR B 216 8.05 -18.15 -16.18
N ALA B 217 7.68 -17.01 -15.59
CA ALA B 217 7.41 -16.89 -14.13
C ALA B 217 6.15 -17.68 -13.78
N GLN B 218 5.09 -17.50 -14.56
CA GLN B 218 3.83 -18.23 -14.33
C GLN B 218 4.08 -19.75 -14.38
N LYS B 219 4.76 -20.22 -15.42
CA LYS B 219 4.94 -21.67 -15.66
C LYS B 219 5.90 -22.25 -14.61
N ILE B 220 6.96 -21.52 -14.27
CA ILE B 220 7.98 -22.04 -13.31
C ILE B 220 7.38 -22.04 -11.91
N GLY B 221 6.56 -21.04 -11.61
CA GLY B 221 5.82 -20.96 -10.33
C GLY B 221 4.91 -22.15 -10.17
N LEU B 222 4.09 -22.40 -11.17
CA LEU B 222 3.15 -23.56 -11.17
C LEU B 222 3.92 -24.87 -11.11
N ALA B 223 4.97 -25.02 -11.91
CA ALA B 223 5.80 -26.25 -11.91
C ALA B 223 6.31 -26.49 -10.48
N PHE B 224 6.75 -25.43 -9.80
CA PHE B 224 7.26 -25.53 -8.40
C PHE B 224 6.15 -26.12 -7.49
N GLN B 225 4.92 -25.65 -7.63
CA GLN B 225 3.80 -26.05 -6.71
C GLN B 225 3.40 -27.51 -6.97
N VAL B 226 3.37 -27.89 -8.24
CA VAL B 226 3.01 -29.27 -8.70
C VAL B 226 4.07 -30.24 -8.15
N ILE B 227 5.35 -29.92 -8.37
CA ILE B 227 6.48 -30.78 -7.93
C ILE B 227 6.50 -30.84 -6.39
N ASP B 228 6.24 -29.72 -5.73
CA ASP B 228 6.13 -29.71 -4.24
C ASP B 228 5.08 -30.75 -3.78
N ASP B 229 3.93 -30.82 -4.45
CA ASP B 229 2.83 -31.76 -4.12
C ASP B 229 3.29 -33.20 -4.38
N ILE B 230 4.06 -33.43 -5.43
CA ILE B 230 4.53 -34.81 -5.77
C ILE B 230 5.53 -35.25 -4.69
N LEU B 231 6.50 -34.39 -4.36
CA LEU B 231 7.48 -34.60 -3.26
C LEU B 231 6.75 -34.91 -1.96
N ASP B 232 5.65 -34.22 -1.66
CA ASP B 232 4.90 -34.41 -0.38
C ASP B 232 4.41 -35.86 -0.25
N ILE B 233 3.98 -36.51 -1.33
CA ILE B 233 3.42 -37.89 -1.25
C ILE B 233 4.50 -38.90 -1.63
N THR B 234 5.60 -38.47 -2.24
CA THR B 234 6.79 -39.31 -2.51
C THR B 234 7.58 -39.50 -1.21
N ALA B 235 7.22 -38.77 -0.14
CA ALA B 235 7.81 -38.85 1.21
C ALA B 235 7.49 -40.21 1.83
N LYS B 252 -7.66 -31.63 1.76
CA LYS B 252 -6.71 -30.63 1.20
C LYS B 252 -6.44 -30.99 -0.28
N ALA B 253 -7.05 -30.27 -1.21
CA ALA B 253 -6.85 -30.47 -2.67
C ALA B 253 -5.38 -30.28 -3.00
N THR B 254 -4.80 -31.26 -3.69
CA THR B 254 -3.43 -31.18 -4.23
C THR B 254 -3.46 -31.57 -5.72
N TYR B 255 -2.36 -31.36 -6.43
CA TYR B 255 -2.30 -31.78 -7.85
C TYR B 255 -2.48 -33.29 -7.93
N PRO B 256 -1.81 -34.12 -7.09
CA PRO B 256 -2.08 -35.56 -7.08
C PRO B 256 -3.53 -35.95 -6.73
N SER B 257 -4.12 -35.28 -5.74
CA SER B 257 -5.49 -35.59 -5.25
C SER B 257 -6.50 -35.22 -6.34
N LEU B 258 -6.18 -34.28 -7.23
CA LEU B 258 -7.11 -33.83 -8.31
C LEU B 258 -6.77 -34.49 -9.65
N LEU B 259 -5.48 -34.65 -10.00
CA LEU B 259 -5.05 -35.15 -11.33
C LEU B 259 -4.67 -36.64 -11.27
N GLY B 260 -4.32 -37.16 -10.08
CA GLY B 260 -3.57 -38.41 -9.91
C GLY B 260 -2.08 -38.17 -10.13
N LEU B 261 -1.26 -39.12 -9.73
CA LEU B 261 0.23 -38.97 -9.73
C LEU B 261 0.75 -38.81 -11.16
N ASP B 262 0.27 -39.64 -12.08
CA ASP B 262 0.87 -39.70 -13.44
C ASP B 262 0.63 -38.38 -14.18
N ALA B 263 -0.60 -37.89 -14.23
CA ALA B 263 -0.93 -36.64 -14.93
C ALA B 263 -0.23 -35.47 -14.21
N SER B 264 -0.05 -35.53 -12.90
CA SER B 264 0.70 -34.48 -12.16
C SER B 264 2.15 -34.39 -12.71
N ARG B 265 2.81 -35.53 -12.90
CA ARG B 265 4.21 -35.63 -13.40
C ARG B 265 4.28 -35.03 -14.81
N GLU B 266 3.31 -35.37 -15.66
CA GLU B 266 3.27 -34.88 -17.06
C GLU B 266 3.01 -33.39 -17.06
N TYR B 267 2.11 -32.93 -16.20
CA TYR B 267 1.76 -31.50 -16.08
C TYR B 267 3.02 -30.74 -15.68
N ALA B 268 3.70 -31.18 -14.64
CA ALA B 268 4.95 -30.57 -14.17
C ALA B 268 5.91 -30.44 -15.35
N ASP B 269 6.11 -31.52 -16.11
CA ASP B 269 7.08 -31.52 -17.23
C ASP B 269 6.62 -30.55 -18.33
N GLN B 270 5.32 -30.51 -18.63
CA GLN B 270 4.76 -29.56 -19.62
C GLN B 270 5.02 -28.11 -19.15
N LEU B 271 4.83 -27.84 -17.87
CA LEU B 271 5.01 -26.48 -17.29
C LEU B 271 6.47 -26.08 -17.42
N ILE B 272 7.41 -26.97 -17.10
CA ILE B 272 8.87 -26.64 -17.17
C ILE B 272 9.28 -26.40 -18.63
N THR B 273 8.79 -27.24 -19.54
CA THR B 273 9.02 -27.12 -21.00
C THR B 273 8.57 -25.75 -21.50
N GLU B 274 7.34 -25.34 -21.15
CA GLU B 274 6.79 -24.03 -21.57
C GLU B 274 7.67 -22.92 -20.97
N ALA B 275 8.11 -23.05 -19.70
CA ALA B 275 8.93 -22.03 -19.00
C ALA B 275 10.23 -21.84 -19.77
N LYS B 276 10.92 -22.94 -20.07
CA LYS B 276 12.22 -22.90 -20.80
C LYS B 276 12.02 -22.33 -22.20
N ALA B 277 10.98 -22.76 -22.91
CA ALA B 277 10.67 -22.28 -24.29
C ALA B 277 10.52 -20.75 -24.30
N ALA B 278 9.86 -20.17 -23.29
CA ALA B 278 9.57 -18.72 -23.18
C ALA B 278 10.87 -17.91 -23.26
N ILE B 279 11.98 -18.43 -22.75
CA ILE B 279 13.28 -17.69 -22.69
C ILE B 279 14.34 -18.41 -23.53
N ALA B 280 13.93 -19.32 -24.42
CA ALA B 280 14.84 -20.15 -25.25
C ALA B 280 15.74 -19.25 -26.11
N ALA B 281 15.19 -18.15 -26.62
CA ALA B 281 15.86 -17.27 -27.61
C ALA B 281 17.08 -16.54 -27.01
N PHE B 282 17.11 -16.33 -25.70
CA PHE B 282 18.11 -15.46 -25.03
C PHE B 282 19.47 -16.18 -24.99
N GLY B 283 20.52 -15.43 -24.70
CA GLY B 283 21.88 -15.95 -24.50
C GLY B 283 22.15 -16.26 -23.04
N ALA B 284 23.38 -16.01 -22.61
CA ALA B 284 23.92 -16.35 -21.28
C ALA B 284 23.24 -15.51 -20.20
N GLU B 285 22.65 -14.37 -20.55
CA GLU B 285 22.02 -13.46 -19.56
C GLU B 285 20.80 -14.15 -18.96
N ALA B 286 20.21 -15.12 -19.68
CA ALA B 286 19.04 -15.90 -19.25
C ALA B 286 19.49 -17.10 -18.40
N ASP B 287 20.78 -17.35 -18.26
CA ASP B 287 21.30 -18.54 -17.53
C ASP B 287 20.75 -18.64 -16.11
N PRO B 288 20.70 -17.55 -15.33
CA PRO B 288 20.12 -17.65 -13.99
C PRO B 288 18.68 -18.18 -14.03
N LEU B 289 17.83 -17.72 -14.96
CA LEU B 289 16.40 -18.14 -15.02
C LEU B 289 16.34 -19.62 -15.42
N ARG B 290 17.18 -20.00 -16.37
CA ARG B 290 17.31 -21.40 -16.86
C ARG B 290 17.76 -22.34 -15.74
N ALA B 291 18.77 -21.92 -14.96
CA ALA B 291 19.33 -22.71 -13.85
C ALA B 291 18.26 -22.96 -12.80
N ILE B 292 17.39 -21.96 -12.57
CA ILE B 292 16.25 -22.12 -11.62
C ILE B 292 15.30 -23.19 -12.17
N ALA B 293 14.98 -23.13 -13.47
CA ALA B 293 14.13 -24.14 -14.14
C ALA B 293 14.84 -25.51 -14.15
N ASP B 294 16.13 -25.58 -14.45
CA ASP B 294 16.87 -26.86 -14.51
C ASP B 294 16.84 -27.49 -13.13
N TYR B 295 16.94 -26.69 -12.07
CA TYR B 295 17.00 -27.24 -10.70
C TYR B 295 15.65 -27.86 -10.36
N ILE B 296 14.57 -27.14 -10.62
CA ILE B 296 13.17 -27.63 -10.38
C ILE B 296 12.91 -28.87 -11.24
N THR B 297 13.33 -28.86 -12.52
CA THR B 297 13.25 -30.06 -13.41
C THR B 297 13.98 -31.21 -12.71
N ALA B 298 15.26 -31.01 -12.39
CA ALA B 298 16.13 -32.04 -11.78
C ALA B 298 15.43 -32.65 -10.54
N ARG B 299 14.80 -31.85 -9.69
CA ARG B 299 14.16 -32.40 -8.48
C ARG B 299 12.98 -33.31 -8.88
N LYS B 300 12.30 -32.97 -9.97
CA LYS B 300 11.13 -33.74 -10.52
C LYS B 300 11.66 -35.10 -10.98
N HIS B 301 12.63 -35.10 -11.90
CA HIS B 301 13.17 -36.31 -12.56
C HIS B 301 13.75 -37.27 -11.54
N LEU B 302 14.34 -36.78 -10.44
CA LEU B 302 15.02 -37.64 -9.44
C LEU B 302 14.03 -38.48 -8.61
N LEU B 303 12.71 -38.31 -8.78
CA LEU B 303 11.69 -39.14 -8.08
C LEU B 303 11.18 -40.26 -9.00
C1 IPE C . -8.20 7.36 13.69
O1 IPE C . -8.42 6.39 14.73
C2 IPE C . -7.97 6.63 12.40
C3 IPE C . -6.59 6.83 11.86
C4 IPE C . -6.15 8.01 11.45
C5 IPE C . -5.74 5.60 11.81
PA IPE C . -8.74 6.89 16.22
O1A IPE C . -7.84 8.05 16.52
O2A IPE C . -8.72 5.71 17.14
O3A IPE C . -10.25 7.43 16.05
PB IPE C . -11.57 6.78 15.38
O1B IPE C . -12.72 7.28 16.21
O2B IPE C . -11.65 7.27 13.96
O3B IPE C . -11.39 5.30 15.50
C1 EDO D . -10.57 17.20 9.68
O1 EDO D . -11.67 16.75 10.46
C2 EDO D . -10.88 18.32 8.77
O2 EDO D . -10.19 19.53 9.07
C1 PEG E . -12.49 1.42 -13.49
O1 PEG E . -12.66 2.13 -14.69
C2 PEG E . -12.66 -0.03 -13.70
O2 PEG E . -12.09 -0.77 -12.63
C3 PEG E . -11.85 -2.13 -12.99
C4 PEG E . -13.13 -2.91 -12.96
O4 PEG E . -13.37 -3.68 -14.15
S SO4 F . -15.36 9.67 7.92
O1 SO4 F . -14.38 9.46 6.87
O2 SO4 F . -16.19 10.83 7.55
O3 SO4 F . -16.17 8.51 8.08
O4 SO4 F . -14.68 9.93 9.14
MG MG G . -8.24 15.85 21.17
MG MG H . -10.69 4.10 16.83
MG MG I . -6.87 4.41 17.37
CL CL J . -12.91 13.64 9.02
C1 PEG K . 17.46 6.14 0.51
O1 PEG K . 18.47 6.77 -0.22
C2 PEG K . 17.44 6.61 1.92
O2 PEG K . 16.16 6.30 2.47
C3 PEG K . 16.07 6.51 3.87
C4 PEG K . 15.86 7.97 4.19
O4 PEG K . 16.85 8.48 5.07
C1 EDO L . 9.65 -19.83 -6.22
O1 EDO L . 9.47 -20.58 -5.04
C2 EDO L . 9.25 -20.60 -7.42
O2 EDO L . 10.25 -20.64 -8.42
S SO4 M . 11.37 -16.39 2.27
O1 SO4 M . 12.49 -17.00 1.59
O2 SO4 M . 11.12 -15.10 1.67
O3 SO4 M . 10.23 -17.22 2.15
O4 SO4 M . 11.66 -16.20 3.66
S SO4 N . 10.00 -18.48 -1.94
O1 SO4 N . 11.30 -17.91 -2.19
O2 SO4 N . 9.41 -18.92 -3.17
O3 SO4 N . 10.15 -19.61 -1.07
O4 SO4 N . 9.15 -17.49 -1.32
S SO4 O . -6.98 -12.69 -12.49
O1 SO4 O . -5.55 -12.56 -12.55
O2 SO4 O . -7.59 -11.94 -13.57
O3 SO4 O . -7.36 -14.07 -12.65
O4 SO4 O . -7.47 -12.20 -11.22
MG MG P . 0.89 -27.90 -2.34
MG MG Q . -1.61 -18.63 4.75
MG MG R . 1.36 -19.20 6.51
#